data_3N2Q
#
_entry.id   3N2Q
#
_cell.length_a   65.062
_cell.length_b   65.062
_cell.length_c   142.903
_cell.angle_alpha   90.00
_cell.angle_beta   90.00
_cell.angle_gamma   120.00
#
_symmetry.space_group_name_H-M   'P 31 2 1'
#
loop_
_entity.id
_entity.type
_entity.pdbx_description
1 polymer 'Sex pheromone staph-cAM373'
2 water water
#
_entity_poly.entity_id   1
_entity_poly.type   'polypeptide(L)'
_entity_poly.pdbx_seq_one_letter_code
;SNAPLKEQKVINTANIKTNSKLDLAEYENGLINIATQQFDTESHVLQLNQYIPEKLIDELVAKVEAPVLTNIIEQDYFGK
QNSNELSLSGV(MSE)IGLA(MSE)SSSVSNEEA(MSE)SKGTEVAKQLIEAINKNDKYNKSPITFAIFKQESTSSLKNG
TYIASATVQKNDTNLGNWSTIDEKSYSYPSDEFTQAHGEDNTKINNFAKEIKGFSNGDFIPVNAKVSYKKDQ(MSE)DTL
N(MSE)NIVIKYNGKTEL(MSE)ALTQLAAQG(MSE)LDKLPKDAKVQLQIKSESKIEAVIIKEKNSDKPFVSFL
;
_entity_poly.pdbx_strand_id   A
#
# COMPACT_ATOMS: atom_id res chain seq x y z
N ASN A 2 -20.00 25.81 13.36
CA ASN A 2 -19.84 24.34 13.50
C ASN A 2 -19.85 23.63 12.13
N ALA A 3 -18.69 23.09 11.74
CA ALA A 3 -18.52 22.41 10.45
C ALA A 3 -18.69 20.89 10.56
N PRO A 4 -19.24 20.24 9.51
CA PRO A 4 -19.37 18.78 9.61
C PRO A 4 -18.07 18.14 10.08
N LEU A 5 -18.19 17.01 10.74
CA LEU A 5 -17.03 16.35 11.33
C LEU A 5 -16.50 15.25 10.45
N LYS A 6 -15.26 14.86 10.71
CA LYS A 6 -14.68 13.67 10.13
C LYS A 6 -15.46 12.51 10.70
N GLU A 7 -16.05 11.73 9.82
CA GLU A 7 -16.84 10.56 10.22
C GLU A 7 -16.02 9.27 10.23
N GLN A 8 -14.81 9.32 9.65
CA GLN A 8 -13.89 8.20 9.69
C GLN A 8 -12.74 8.47 10.66
N LYS A 9 -12.80 7.82 11.82
CA LYS A 9 -11.71 7.92 12.81
C LYS A 9 -10.92 6.62 12.89
N VAL A 10 -9.64 6.72 13.22
CA VAL A 10 -8.81 5.52 13.29
C VAL A 10 -8.48 5.20 14.73
N ILE A 11 -8.41 3.93 15.04
CA ILE A 11 -8.06 3.48 16.38
C ILE A 11 -6.55 3.28 16.39
N ASN A 12 -5.93 3.53 17.53
CA ASN A 12 -4.50 3.36 17.67
C ASN A 12 -4.14 2.23 18.63
N THR A 13 -5.14 1.73 19.38
CA THR A 13 -4.90 0.69 20.42
C THR A 13 -4.31 -0.61 19.86
N ALA A 14 -4.96 -1.18 18.86
CA ALA A 14 -4.51 -2.45 18.31
C ALA A 14 -3.12 -2.34 17.67
N ASN A 15 -2.80 -1.15 17.12
CA ASN A 15 -1.47 -0.89 16.57
C ASN A 15 -0.40 -0.86 17.64
N ILE A 16 -0.70 -0.25 18.79
CA ILE A 16 0.19 -0.28 19.95
C ILE A 16 0.49 -1.73 20.39
N LYS A 17 -0.56 -2.51 20.60
CA LYS A 17 -0.47 -3.89 21.10
C LYS A 17 0.34 -4.80 20.17
N THR A 18 0.29 -4.50 18.88
CA THR A 18 0.93 -5.35 17.86
C THR A 18 2.16 -4.69 17.22
N ASN A 19 2.59 -3.55 17.73
CA ASN A 19 3.71 -2.81 17.15
C ASN A 19 3.61 -2.70 15.64
N SER A 20 2.48 -2.17 15.17
CA SER A 20 2.21 -2.03 13.75
C SER A 20 2.08 -0.56 13.34
N LYS A 21 2.67 -0.20 12.21
CA LYS A 21 2.50 1.14 11.66
C LYS A 21 1.11 1.29 11.07
N LEU A 22 0.48 2.42 11.39
CA LEU A 22 -0.75 2.85 10.73
C LEU A 22 -0.60 2.97 9.21
N ASP A 23 0.46 3.63 8.73
CA ASP A 23 0.60 3.97 7.30
C ASP A 23 -0.70 4.49 6.69
N LEU A 24 -1.29 5.52 7.29
CA LEU A 24 -2.60 6.02 6.84
C LEU A 24 -2.70 6.33 5.34
N ALA A 25 -1.66 6.95 4.78
CA ALA A 25 -1.70 7.38 3.37
C ALA A 25 -1.93 6.18 2.46
N GLU A 26 -1.13 5.14 2.66
CA GLU A 26 -1.22 3.90 1.92
C GLU A 26 -2.54 3.15 2.13
N TYR A 27 -3.03 3.15 3.37
CA TYR A 27 -4.22 2.44 3.77
C TYR A 27 -5.45 3.05 3.10
N GLU A 28 -5.57 4.37 3.15
CA GLU A 28 -6.63 5.11 2.44
C GLU A 28 -6.49 5.02 0.92
N ASN A 29 -5.35 5.48 0.39
CA ASN A 29 -5.17 5.58 -1.05
C ASN A 29 -5.19 4.26 -1.78
N GLY A 30 -4.58 3.24 -1.19
CA GLY A 30 -4.59 1.90 -1.76
C GLY A 30 -6.01 1.43 -2.01
N LEU A 31 -6.90 1.72 -1.07
CA LEU A 31 -8.30 1.33 -1.16
C LEU A 31 -9.02 2.09 -2.26
N ILE A 32 -8.66 3.35 -2.43
CA ILE A 32 -9.22 4.12 -3.55
C ILE A 32 -8.78 3.49 -4.87
N ASN A 33 -7.54 2.99 -4.93
CA ASN A 33 -7.05 2.38 -6.16
C ASN A 33 -7.78 1.12 -6.55
N ILE A 34 -8.13 0.32 -5.56
CA ILE A 34 -8.88 -0.91 -5.76
C ILE A 34 -10.26 -0.61 -6.31
N ALA A 35 -10.88 0.44 -5.81
CA ALA A 35 -12.15 0.94 -6.31
C ALA A 35 -12.11 1.20 -7.82
N THR A 36 -11.11 1.96 -8.27
CA THR A 36 -11.01 2.34 -9.68
C THR A 36 -10.77 1.11 -10.57
N GLN A 37 -10.15 0.06 -10.02
CA GLN A 37 -10.03 -1.22 -10.72
C GLN A 37 -11.43 -1.77 -11.00
N GLN A 38 -12.23 -1.86 -9.94
CA GLN A 38 -13.53 -2.49 -9.98
C GLN A 38 -14.59 -1.77 -10.86
N PHE A 39 -14.61 -0.43 -10.84
CA PHE A 39 -15.45 0.33 -11.78
C PHE A 39 -14.89 1.68 -12.25
N ASP A 40 -15.51 2.27 -13.27
CA ASP A 40 -15.15 3.62 -13.72
C ASP A 40 -15.59 4.68 -12.70
N THR A 41 -14.79 4.75 -11.62
CA THR A 41 -15.02 5.66 -10.49
C THR A 41 -15.13 7.13 -10.93
N GLU A 42 -14.63 7.42 -12.13
CA GLU A 42 -14.72 8.76 -12.70
C GLU A 42 -15.86 9.57 -12.06
N SER A 43 -17.09 9.25 -12.39
CA SER A 43 -18.23 10.03 -11.90
C SER A 43 -18.41 10.08 -10.36
N HIS A 44 -18.21 8.95 -9.67
CA HIS A 44 -18.73 8.79 -8.30
C HIS A 44 -18.28 9.82 -7.27
N VAL A 45 -19.18 10.10 -6.32
CA VAL A 45 -18.88 10.89 -5.13
C VAL A 45 -18.50 9.96 -3.99
N LEU A 46 -17.40 10.28 -3.32
CA LEU A 46 -16.88 9.48 -2.23
C LEU A 46 -17.29 10.03 -0.86
N GLN A 47 -17.96 9.19 -0.08
CA GLN A 47 -18.22 9.45 1.33
C GLN A 47 -17.66 8.33 2.22
N LEU A 48 -17.41 8.67 3.48
CA LEU A 48 -16.76 7.76 4.40
C LEU A 48 -17.70 7.22 5.47
N ASN A 49 -17.59 5.92 5.73
CA ASN A 49 -18.15 5.32 6.95
C ASN A 49 -19.65 5.50 7.09
N GLN A 50 -20.41 5.23 6.04
CA GLN A 50 -21.85 5.51 6.07
C GLN A 50 -22.70 4.43 6.71
N TYR A 51 -22.26 3.17 6.64
CA TYR A 51 -23.13 2.05 7.00
C TYR A 51 -22.69 1.21 8.19
N ILE A 52 -21.39 1.13 8.45
CA ILE A 52 -20.90 0.38 9.59
C ILE A 52 -20.99 1.20 10.87
N PRO A 53 -21.68 0.68 11.91
CA PRO A 53 -21.77 1.37 13.20
C PRO A 53 -20.43 1.50 13.93
N GLU A 54 -20.18 2.66 14.52
CA GLU A 54 -18.98 2.96 15.29
C GLU A 54 -18.76 1.94 16.40
N LYS A 55 -19.84 1.59 17.09
CA LYS A 55 -19.77 0.69 18.26
C LYS A 55 -19.33 -0.69 17.85
N LEU A 56 -19.71 -1.09 16.64
CA LEU A 56 -19.30 -2.36 16.08
C LEU A 56 -17.81 -2.36 15.73
N ILE A 57 -17.32 -1.25 15.16
CA ILE A 57 -15.91 -1.14 14.83
C ILE A 57 -15.11 -1.21 16.14
N ASP A 58 -15.48 -0.39 17.12
CA ASP A 58 -14.93 -0.47 18.46
C ASP A 58 -14.89 -1.91 18.96
N GLU A 59 -16.01 -2.60 18.79
CA GLU A 59 -16.19 -3.97 19.23
C GLU A 59 -15.16 -4.85 18.58
N LEU A 60 -15.03 -4.77 17.26
CA LEU A 60 -14.15 -5.66 16.51
C LEU A 60 -12.69 -5.27 16.53
N VAL A 61 -12.39 -4.04 16.90
CA VAL A 61 -11.03 -3.57 16.84
C VAL A 61 -10.45 -3.30 18.25
N ALA A 62 -11.18 -2.53 19.06
CA ALA A 62 -10.64 -1.98 20.31
C ALA A 62 -10.90 -2.82 21.56
N LYS A 63 -11.81 -3.79 21.46
CA LYS A 63 -12.24 -4.55 22.65
C LYS A 63 -11.63 -5.96 22.73
N VAL A 64 -10.93 -6.33 21.67
CA VAL A 64 -10.20 -7.59 21.57
C VAL A 64 -8.87 -7.46 22.35
N GLU A 65 -8.67 -8.33 23.35
CA GLU A 65 -7.42 -8.36 24.13
C GLU A 65 -6.15 -8.62 23.29
N ALA A 66 -6.26 -9.50 22.29
CA ALA A 66 -5.13 -9.94 21.49
C ALA A 66 -5.46 -9.81 19.99
N PRO A 67 -5.46 -8.56 19.47
CA PRO A 67 -6.03 -8.24 18.15
C PRO A 67 -5.16 -8.62 16.97
N VAL A 68 -5.82 -8.89 15.85
CA VAL A 68 -5.16 -9.13 14.58
C VAL A 68 -5.62 -8.03 13.62
N LEU A 69 -6.92 -7.77 13.68
CA LEU A 69 -7.54 -6.65 13.01
C LEU A 69 -7.22 -5.42 13.80
N THR A 70 -6.73 -4.38 13.13
CA THR A 70 -6.28 -3.17 13.84
C THR A 70 -7.02 -1.90 13.43
N ASN A 71 -7.82 -2.01 12.34
CA ASN A 71 -8.69 -0.93 11.87
C ASN A 71 -9.62 -1.37 10.77
N ILE A 72 -10.71 -0.64 10.62
CA ILE A 72 -11.65 -0.84 9.54
C ILE A 72 -11.96 0.55 8.99
N ILE A 73 -11.76 0.74 7.69
CA ILE A 73 -12.19 1.95 7.01
C ILE A 73 -13.22 1.59 5.96
N GLU A 74 -14.18 2.50 5.79
CA GLU A 74 -15.30 2.27 4.88
C GLU A 74 -15.37 3.41 3.89
N GLN A 75 -15.25 3.07 2.62
CA GLN A 75 -15.38 4.05 1.56
C GLN A 75 -16.61 3.75 0.69
N ASP A 76 -17.54 4.70 0.66
CA ASP A 76 -18.81 4.54 -0.04
C ASP A 76 -18.87 5.41 -1.29
N TYR A 77 -19.13 4.78 -2.44
CA TYR A 77 -19.13 5.48 -3.73
C TYR A 77 -20.53 5.60 -4.30
N PHE A 78 -20.91 6.83 -4.62
CA PHE A 78 -22.24 7.14 -5.15
C PHE A 78 -22.12 7.64 -6.57
N GLY A 79 -22.88 7.03 -7.47
CA GLY A 79 -22.91 7.36 -8.90
C GLY A 79 -24.33 7.21 -9.43
N LYS A 80 -24.47 7.13 -10.75
CA LYS A 80 -25.80 7.07 -11.40
C LYS A 80 -25.90 5.93 -12.42
N ASN A 84 -30.18 6.87 -12.47
CA ASN A 84 -30.91 8.02 -12.99
C ASN A 84 -30.62 9.31 -12.22
N GLU A 85 -29.92 9.18 -11.09
CA GLU A 85 -29.62 10.28 -10.15
C GLU A 85 -28.85 9.71 -8.94
N LEU A 86 -27.93 10.49 -8.34
CA LEU A 86 -26.90 9.94 -7.43
C LEU A 86 -27.38 9.05 -6.28
N SER A 87 -26.96 7.79 -6.31
CA SER A 87 -27.19 6.83 -5.24
C SER A 87 -25.96 5.95 -5.12
N LEU A 88 -26.00 4.94 -4.25
CA LEU A 88 -24.84 4.10 -3.94
C LEU A 88 -24.50 3.06 -5.02
N SER A 89 -23.21 2.92 -5.37
CA SER A 89 -22.73 1.96 -6.39
C SER A 89 -21.95 0.79 -5.83
N GLY A 90 -21.23 1.03 -4.73
CA GLY A 90 -20.38 0.04 -4.11
C GLY A 90 -19.72 0.57 -2.86
N VAL A 91 -19.43 -0.35 -1.94
CA VAL A 91 -18.78 -0.05 -0.70
C VAL A 91 -17.41 -0.71 -0.74
N ILE A 93 -14.12 -1.62 1.78
CA ILE A 93 -13.72 -1.72 3.18
C ILE A 93 -12.28 -2.18 3.30
N GLY A 94 -11.44 -1.34 3.91
CA GLY A 94 -10.06 -1.69 4.13
C GLY A 94 -9.92 -2.27 5.52
N LEU A 95 -9.51 -3.54 5.59
CA LEU A 95 -9.25 -4.21 6.86
C LEU A 95 -7.77 -4.24 7.16
N ALA A 96 -7.38 -3.59 8.24
CA ALA A 96 -5.96 -3.52 8.64
C ALA A 96 -5.54 -4.76 9.42
N SER A 98 -2.47 -6.99 11.33
CA SER A 98 -1.28 -6.71 12.10
C SER A 98 0.02 -7.23 11.51
N SER A 99 1.12 -6.59 11.86
CA SER A 99 2.44 -6.97 11.37
C SER A 99 2.93 -8.37 11.77
N SER A 100 2.43 -8.90 12.90
CA SER A 100 2.89 -10.19 13.47
C SER A 100 2.33 -11.45 12.79
N VAL A 101 1.17 -11.34 12.17
CA VAL A 101 0.54 -12.52 11.58
C VAL A 101 1.07 -12.76 10.15
N SER A 102 0.82 -13.95 9.62
CA SER A 102 1.15 -14.27 8.23
C SER A 102 0.02 -13.82 7.31
N ASN A 103 0.30 -13.77 6.00
CA ASN A 103 -0.72 -13.38 5.02
C ASN A 103 -1.94 -14.28 5.09
N GLU A 104 -1.71 -15.55 5.39
CA GLU A 104 -2.80 -16.50 5.52
C GLU A 104 -3.62 -16.20 6.78
N GLU A 105 -2.95 -15.99 7.91
CA GLU A 105 -3.69 -15.61 9.11
C GLU A 105 -4.43 -14.28 8.88
N ALA A 106 -3.82 -13.35 8.15
CA ALA A 106 -4.55 -12.16 7.76
C ALA A 106 -5.81 -12.49 6.95
N SER A 108 -7.54 -15.27 6.94
CA SER A 108 -8.43 -16.03 7.78
C SER A 108 -9.24 -15.02 8.61
N LYS A 109 -8.53 -14.09 9.25
CA LYS A 109 -9.20 -13.09 10.05
C LYS A 109 -10.12 -12.25 9.17
N GLY A 110 -9.63 -11.98 7.96
CA GLY A 110 -10.38 -11.29 6.94
C GLY A 110 -11.76 -11.87 6.68
N THR A 111 -11.83 -13.18 6.54
CA THR A 111 -13.07 -13.85 6.21
C THR A 111 -14.03 -13.66 7.37
N GLU A 112 -13.56 -14.00 8.56
CA GLU A 112 -14.34 -13.85 9.78
C GLU A 112 -14.94 -12.46 9.91
N VAL A 113 -14.08 -11.44 9.88
CA VAL A 113 -14.47 -10.05 10.03
C VAL A 113 -15.50 -9.62 8.96
N ALA A 114 -15.26 -10.01 7.71
CA ALA A 114 -16.14 -9.60 6.60
C ALA A 114 -17.56 -10.15 6.71
N LYS A 115 -17.69 -11.40 7.16
CA LYS A 115 -19.00 -11.99 7.36
C LYS A 115 -19.81 -11.18 8.36
N GLN A 116 -19.13 -10.68 9.38
CA GLN A 116 -19.78 -9.91 10.39
C GLN A 116 -20.25 -8.55 9.88
N LEU A 117 -19.39 -7.92 9.06
CA LEU A 117 -19.74 -6.65 8.42
C LEU A 117 -20.86 -6.75 7.38
N ILE A 118 -20.81 -7.80 6.54
CA ILE A 118 -21.91 -8.07 5.60
C ILE A 118 -23.24 -8.14 6.33
N GLU A 119 -23.24 -8.94 7.40
CA GLU A 119 -24.39 -9.07 8.27
C GLU A 119 -24.90 -7.71 8.76
N ALA A 120 -23.97 -6.84 9.17
CA ALA A 120 -24.36 -5.57 9.76
C ALA A 120 -24.78 -4.53 8.72
N ILE A 121 -23.98 -4.41 7.66
CA ILE A 121 -24.33 -3.51 6.55
C ILE A 121 -25.72 -3.81 5.96
N ASN A 122 -26.18 -5.06 6.01
CA ASN A 122 -27.48 -5.40 5.46
C ASN A 122 -28.65 -5.04 6.37
N LYS A 123 -28.39 -4.90 7.66
CA LYS A 123 -29.43 -4.53 8.63
C LYS A 123 -29.74 -3.04 8.57
N ASN A 124 -28.77 -2.27 8.09
CA ASN A 124 -28.95 -0.85 7.85
C ASN A 124 -29.87 -0.66 6.64
N ASP A 125 -31.06 -0.13 6.89
CA ASP A 125 -32.11 0.01 5.86
C ASP A 125 -31.78 1.02 4.75
N LYS A 126 -30.89 1.96 5.04
CA LYS A 126 -30.45 2.94 4.04
C LYS A 126 -29.59 2.32 2.95
N TYR A 127 -29.03 1.14 3.21
CA TYR A 127 -28.08 0.50 2.29
C TYR A 127 -28.82 -0.24 1.16
N ASN A 128 -28.48 0.08 -0.09
CA ASN A 128 -29.21 -0.36 -1.27
C ASN A 128 -28.77 -1.70 -1.89
N LYS A 129 -28.06 -2.51 -1.10
CA LYS A 129 -27.59 -3.85 -1.50
C LYS A 129 -26.51 -3.82 -2.57
N SER A 130 -25.82 -2.69 -2.65
CA SER A 130 -24.67 -2.54 -3.56
C SER A 130 -23.58 -3.59 -3.29
N PRO A 131 -22.80 -3.95 -4.32
CA PRO A 131 -21.62 -4.76 -4.08
C PRO A 131 -20.69 -4.16 -3.03
N ILE A 132 -20.09 -5.05 -2.24
CA ILE A 132 -19.16 -4.71 -1.18
C ILE A 132 -17.84 -5.41 -1.48
N THR A 133 -16.73 -4.69 -1.35
CA THR A 133 -15.42 -5.27 -1.63
C THR A 133 -14.55 -5.09 -0.42
N PHE A 134 -14.08 -6.22 0.12
CA PHE A 134 -13.20 -6.17 1.25
C PHE A 134 -11.79 -6.30 0.74
N ALA A 135 -10.89 -5.47 1.26
CA ALA A 135 -9.50 -5.57 0.87
C ALA A 135 -8.65 -5.68 2.13
N ILE A 136 -7.59 -6.48 2.08
CA ILE A 136 -6.71 -6.62 3.24
C ILE A 136 -5.44 -5.77 3.14
N PHE A 137 -5.29 -4.88 4.13
CA PHE A 137 -4.10 -4.08 4.25
C PHE A 137 -3.16 -4.76 5.22
N LYS A 138 -2.07 -5.33 4.71
CA LYS A 138 -1.11 -6.08 5.52
C LYS A 138 -0.05 -5.13 6.06
N GLN A 139 -0.06 -4.93 7.37
CA GLN A 139 0.75 -3.89 8.01
C GLN A 139 2.18 -4.33 8.26
N GLU A 140 3.10 -3.38 8.20
CA GLU A 140 4.47 -3.63 8.54
C GLU A 140 4.65 -3.13 9.97
N SER A 141 5.69 -3.58 10.64
CA SER A 141 5.82 -3.26 12.05
C SER A 141 6.60 -1.97 12.23
N THR A 142 6.55 -1.42 13.45
CA THR A 142 7.04 -0.06 13.74
C THR A 142 8.54 0.13 13.51
N SER A 143 9.29 -0.98 13.49
CA SER A 143 10.75 -0.92 13.28
C SER A 143 11.17 -1.36 11.87
N SER A 144 10.18 -1.58 11.00
CA SER A 144 10.44 -1.91 9.61
C SER A 144 10.45 -0.66 8.72
N LEU A 145 11.37 -0.60 7.78
CA LEU A 145 11.38 0.49 6.80
C LEU A 145 10.26 0.38 5.72
N LYS A 146 9.75 -0.82 5.46
CA LYS A 146 8.69 -1.01 4.42
C LYS A 146 7.32 -0.45 4.85
N ASN A 147 6.50 -0.02 3.88
CA ASN A 147 5.12 0.41 4.14
C ASN A 147 4.21 -0.78 4.02
N GLY A 148 3.12 -0.77 4.80
CA GLY A 148 2.04 -1.73 4.65
C GLY A 148 1.49 -1.66 3.24
N THR A 149 0.78 -2.71 2.83
CA THR A 149 0.35 -2.81 1.45
C THR A 149 -0.89 -3.67 1.34
N TYR A 150 -1.64 -3.50 0.25
CA TYR A 150 -2.82 -4.33 0.01
C TYR A 150 -2.45 -5.66 -0.63
N ILE A 151 -2.96 -6.75 -0.07
CA ILE A 151 -2.52 -8.08 -0.47
C ILE A 151 -3.62 -8.94 -1.12
N ALA A 152 -4.88 -8.67 -0.77
CA ALA A 152 -6.01 -9.39 -1.36
C ALA A 152 -7.31 -8.56 -1.34
N SER A 153 -8.20 -8.84 -2.29
CA SER A 153 -9.57 -8.34 -2.19
C SER A 153 -10.59 -9.48 -2.37
N ALA A 154 -11.77 -9.32 -1.78
CA ALA A 154 -12.90 -10.25 -2.02
C ALA A 154 -14.17 -9.45 -2.16
N THR A 155 -15.05 -9.81 -3.08
CA THR A 155 -16.26 -9.02 -3.25
C THR A 155 -17.54 -9.82 -3.04
N VAL A 156 -18.56 -9.12 -2.53
CA VAL A 156 -19.92 -9.62 -2.46
C VAL A 156 -20.72 -8.98 -3.59
N GLN A 157 -21.35 -9.81 -4.43
CA GLN A 157 -22.20 -9.35 -5.53
C GLN A 157 -23.35 -8.47 -5.06
N LYS A 158 -23.91 -7.69 -5.99
CA LYS A 158 -25.10 -6.89 -5.75
C LYS A 158 -26.29 -7.80 -5.41
N ASN A 159 -26.99 -7.51 -4.32
CA ASN A 159 -28.15 -8.29 -3.87
C ASN A 159 -27.78 -9.68 -3.36
N ASP A 160 -26.60 -9.80 -2.76
CA ASP A 160 -26.16 -11.09 -2.26
C ASP A 160 -25.45 -10.95 -0.92
N THR A 161 -25.03 -12.07 -0.31
CA THR A 161 -24.33 -12.02 0.99
C THR A 161 -23.08 -12.89 1.08
N ASN A 162 -22.89 -13.78 0.11
CA ASN A 162 -21.75 -14.68 0.15
C ASN A 162 -20.49 -13.98 -0.36
N LEU A 163 -19.40 -14.13 0.39
CA LEU A 163 -18.11 -13.56 0.05
C LEU A 163 -17.33 -14.36 -1.02
N GLY A 164 -16.79 -13.64 -2.01
CA GLY A 164 -16.07 -14.28 -3.12
C GLY A 164 -14.68 -14.72 -2.71
N ASN A 165 -13.97 -15.31 -3.65
CA ASN A 165 -12.58 -15.72 -3.44
C ASN A 165 -11.68 -14.52 -3.15
N TRP A 166 -10.74 -14.68 -2.23
CA TRP A 166 -9.68 -13.70 -2.09
C TRP A 166 -8.89 -13.64 -3.40
N SER A 167 -8.71 -12.42 -3.87
CA SER A 167 -8.20 -12.20 -5.20
C SER A 167 -6.97 -11.29 -5.14
N THR A 168 -6.00 -11.54 -6.01
CA THR A 168 -4.78 -10.71 -6.06
C THR A 168 -5.14 -9.26 -6.38
N ILE A 169 -4.35 -8.33 -5.87
CA ILE A 169 -4.47 -6.91 -6.20
C ILE A 169 -3.86 -6.66 -7.57
N ASP A 170 -4.65 -6.10 -8.49
CA ASP A 170 -4.18 -5.88 -9.85
C ASP A 170 -2.94 -5.01 -9.80
N GLU A 171 -1.83 -5.63 -10.17
CA GLU A 171 -0.52 -5.05 -10.07
C GLU A 171 0.36 -5.85 -11.02
N LYS A 172 0.94 -5.19 -12.01
CA LYS A 172 1.88 -5.86 -12.92
C LYS A 172 3.26 -5.57 -12.37
N SER A 173 4.12 -6.58 -12.33
CA SER A 173 5.44 -6.36 -11.79
C SER A 173 6.56 -6.75 -12.76
N TYR A 174 7.71 -6.10 -12.64
CA TYR A 174 8.80 -6.31 -13.55
C TYR A 174 10.13 -6.41 -12.82
N SER A 175 11.07 -7.08 -13.48
CA SER A 175 12.46 -7.13 -13.07
C SER A 175 13.26 -6.21 -13.94
N TYR A 176 14.32 -5.64 -13.38
CA TYR A 176 15.19 -4.75 -14.09
C TYR A 176 16.64 -5.19 -13.90
N PRO A 177 17.43 -5.22 -14.97
CA PRO A 177 16.95 -5.02 -16.33
C PRO A 177 16.31 -6.29 -16.86
N SER A 178 15.34 -6.13 -17.75
CA SER A 178 14.77 -7.25 -18.48
C SER A 178 14.24 -6.74 -19.81
N ASP A 179 14.26 -7.60 -20.83
CA ASP A 179 13.66 -7.25 -22.10
C ASP A 179 12.17 -6.90 -21.89
N GLU A 180 11.46 -7.72 -21.13
CA GLU A 180 10.02 -7.49 -20.87
C GLU A 180 9.73 -6.04 -20.41
N PHE A 181 10.40 -5.65 -19.32
CA PHE A 181 10.28 -4.30 -18.77
C PHE A 181 10.57 -3.25 -19.83
N THR A 182 11.68 -3.39 -20.53
CA THR A 182 12.08 -2.44 -21.57
C THR A 182 10.98 -2.17 -22.62
N GLN A 183 10.33 -3.22 -23.12
CA GLN A 183 9.28 -3.04 -24.11
C GLN A 183 7.99 -2.51 -23.50
N ALA A 184 7.71 -2.91 -22.26
CA ALA A 184 6.51 -2.46 -21.55
C ALA A 184 6.58 -0.99 -21.11
N HIS A 185 7.75 -0.55 -20.66
CA HIS A 185 7.92 0.81 -20.12
C HIS A 185 9.27 1.42 -20.46
N GLY A 186 9.50 1.66 -21.74
CA GLY A 186 10.78 2.18 -22.24
C GLY A 186 11.26 3.45 -21.57
N GLU A 187 10.40 4.46 -21.55
CA GLU A 187 10.76 5.76 -20.99
C GLU A 187 11.13 5.71 -19.50
N ASP A 188 10.45 4.85 -18.75
CA ASP A 188 10.79 4.59 -17.33
C ASP A 188 12.08 3.83 -17.15
N ASN A 189 12.30 2.88 -18.06
CA ASN A 189 13.54 2.10 -18.12
C ASN A 189 14.68 3.05 -18.36
N THR A 190 14.52 3.97 -19.31
CA THR A 190 15.49 5.03 -19.53
C THR A 190 15.75 5.84 -18.26
N LYS A 191 14.72 6.05 -17.44
CA LYS A 191 14.89 6.85 -16.23
C LYS A 191 15.80 6.11 -15.26
N ILE A 192 15.55 4.82 -15.09
CA ILE A 192 16.36 4.01 -14.20
C ILE A 192 17.79 3.91 -14.73
N ASN A 193 17.93 3.71 -16.04
CA ASN A 193 19.25 3.76 -16.65
C ASN A 193 19.99 5.06 -16.27
N ASN A 194 19.30 6.20 -16.39
CA ASN A 194 19.85 7.49 -15.97
C ASN A 194 20.22 7.51 -14.51
N PHE A 195 19.32 7.02 -13.66
CA PHE A 195 19.64 6.89 -12.25
C PHE A 195 20.97 6.18 -12.06
N ALA A 196 21.09 4.97 -12.63
CA ALA A 196 22.31 4.17 -12.54
C ALA A 196 23.54 4.92 -12.99
N LYS A 197 23.40 5.76 -14.02
CA LYS A 197 24.52 6.54 -14.52
C LYS A 197 24.97 7.59 -13.51
N GLU A 198 24.09 7.96 -12.58
CA GLU A 198 24.46 8.98 -11.59
C GLU A 198 25.40 8.40 -10.56
N ILE A 199 25.10 7.20 -10.08
CA ILE A 199 25.93 6.58 -9.05
C ILE A 199 27.27 6.06 -9.59
N LYS A 200 27.34 5.87 -10.91
CA LYS A 200 28.58 5.58 -11.63
C LYS A 200 29.69 6.56 -11.20
N GLY A 201 29.31 7.76 -10.79
CA GLY A 201 30.26 8.76 -10.29
C GLY A 201 31.04 8.31 -9.06
N PHE A 202 30.54 7.27 -8.39
CA PHE A 202 31.13 6.85 -7.13
C PHE A 202 32.39 6.02 -7.35
N ASN A 204 34.46 6.09 -9.63
CA ASN A 204 35.34 6.85 -10.51
C ASN A 204 35.01 6.66 -11.99
N GLY A 205 33.73 6.44 -12.29
CA GLY A 205 33.28 6.19 -13.66
C GLY A 205 32.98 4.72 -13.87
N ASP A 206 33.43 3.87 -12.95
CA ASP A 206 33.17 2.44 -13.04
C ASP A 206 31.67 2.17 -12.97
N PHE A 207 31.15 1.44 -13.94
CA PHE A 207 29.78 0.94 -13.92
C PHE A 207 29.40 0.24 -12.60
N ILE A 208 28.21 0.51 -12.12
CA ILE A 208 27.64 -0.21 -10.99
C ILE A 208 26.29 -0.85 -11.36
N PRO A 209 26.22 -2.20 -11.35
CA PRO A 209 24.96 -2.83 -11.76
C PRO A 209 23.87 -2.53 -10.75
N VAL A 210 22.71 -2.12 -11.25
CA VAL A 210 21.56 -1.92 -10.40
C VAL A 210 20.50 -2.95 -10.77
N ASN A 211 19.96 -3.60 -9.75
CA ASN A 211 18.88 -4.57 -9.89
C ASN A 211 17.64 -3.96 -9.28
N ALA A 212 16.46 -4.29 -9.82
CA ALA A 212 15.22 -3.74 -9.27
C ALA A 212 13.97 -4.59 -9.53
N LYS A 213 13.01 -4.49 -8.61
CA LYS A 213 11.63 -4.86 -8.91
C LYS A 213 10.83 -3.59 -9.05
N VAL A 214 10.08 -3.48 -10.15
CA VAL A 214 9.28 -2.30 -10.42
C VAL A 214 7.82 -2.69 -10.60
N SER A 215 6.97 -2.29 -9.65
CA SER A 215 5.54 -2.54 -9.82
C SER A 215 4.73 -1.30 -10.21
N TYR A 216 3.62 -1.55 -10.89
CA TYR A 216 2.78 -0.53 -11.47
C TYR A 216 1.36 -0.75 -10.99
N LYS A 217 0.68 0.34 -10.67
CA LYS A 217 -0.76 0.29 -10.47
C LYS A 217 -1.37 1.32 -11.40
N LYS A 218 -2.44 0.93 -12.08
CA LYS A 218 -3.04 1.73 -13.15
C LYS A 218 -1.93 2.32 -14.08
N ASP A 219 -1.04 1.45 -14.56
CA ASP A 219 -0.01 1.78 -15.57
C ASP A 219 1.09 2.82 -15.24
N GLN A 220 1.02 3.48 -14.08
CA GLN A 220 2.09 4.39 -13.66
C GLN A 220 2.97 3.70 -12.60
N ASP A 222 4.52 2.60 -9.38
CA ASP A 222 4.00 2.62 -8.02
C ASP A 222 5.14 2.52 -6.99
N THR A 223 5.93 1.47 -7.15
CA THR A 223 7.02 1.20 -6.23
C THR A 223 8.22 0.64 -6.99
N LEU A 224 9.40 1.07 -6.57
CA LEU A 224 10.66 0.73 -7.22
C LEU A 224 11.67 0.33 -6.14
N ASN A 225 11.93 -0.97 -6.03
CA ASN A 225 12.86 -1.54 -5.06
C ASN A 225 14.19 -1.91 -5.72
N ASN A 227 18.45 -2.76 -5.57
CA ASN A 227 19.57 -3.36 -4.86
C ASN A 227 20.89 -3.12 -5.59
N ILE A 228 21.93 -2.82 -4.83
CA ILE A 228 23.27 -2.80 -5.41
C ILE A 228 24.19 -3.56 -4.47
N VAL A 229 25.20 -4.22 -5.04
CA VAL A 229 26.15 -5.02 -4.25
C VAL A 229 27.54 -4.53 -4.59
N ILE A 230 28.21 -3.94 -3.59
CA ILE A 230 29.50 -3.28 -3.80
C ILE A 230 30.50 -3.72 -2.75
N LYS A 231 31.75 -3.27 -2.86
CA LYS A 231 32.78 -3.57 -1.87
C LYS A 231 32.92 -2.45 -0.81
N TYR A 232 32.84 -2.87 0.45
CA TYR A 232 32.90 -1.99 1.63
C TYR A 232 34.28 -1.34 1.90
N ASN A 233 34.34 -0.02 1.72
CA ASN A 233 35.53 0.78 2.04
C ASN A 233 35.32 1.78 3.22
N GLY A 234 34.61 1.33 4.26
CA GLY A 234 34.31 2.19 5.42
C GLY A 234 33.01 2.97 5.31
N LYS A 235 32.67 3.73 6.34
CA LYS A 235 31.42 4.49 6.38
C LYS A 235 31.48 5.78 5.57
N THR A 236 32.64 6.45 5.64
CA THR A 236 32.88 7.67 4.88
C THR A 236 32.52 7.47 3.40
N GLU A 237 33.09 6.43 2.78
CA GLU A 237 32.81 6.13 1.37
C GLU A 237 31.33 5.84 1.15
N LEU A 238 30.75 5.01 2.01
CA LEU A 238 29.35 4.67 1.91
C LEU A 238 28.40 5.87 2.09
N ALA A 240 29.15 9.16 1.09
CA ALA A 240 29.26 9.83 -0.20
C ALA A 240 28.38 9.16 -1.26
N LEU A 241 28.38 7.83 -1.25
CA LEU A 241 27.55 7.04 -2.17
C LEU A 241 26.05 7.20 -1.88
N THR A 242 25.66 7.25 -0.61
CA THR A 242 24.25 7.44 -0.28
C THR A 242 23.77 8.82 -0.70
N GLN A 243 24.65 9.82 -0.67
CA GLN A 243 24.29 11.16 -1.12
C GLN A 243 24.15 11.24 -2.63
N LEU A 244 25.06 10.58 -3.35
CA LEU A 244 24.98 10.51 -4.80
C LEU A 244 23.68 9.79 -5.24
N ALA A 245 23.33 8.73 -4.53
CA ALA A 245 22.13 7.95 -4.85
C ALA A 245 20.84 8.65 -4.47
N ALA A 246 20.81 9.25 -3.27
CA ALA A 246 19.63 9.95 -2.78
C ALA A 246 19.24 11.05 -3.75
N GLN A 247 20.20 11.91 -4.08
CA GLN A 247 20.03 12.98 -5.04
C GLN A 247 19.54 12.45 -6.37
N GLY A 248 20.09 11.31 -6.79
CA GLY A 248 19.73 10.72 -8.07
C GLY A 248 18.32 10.18 -8.11
N LEU A 250 15.75 11.77 -6.51
CA LEU A 250 15.05 13.02 -6.74
C LEU A 250 15.18 13.53 -8.16
N ASP A 251 16.38 13.46 -8.73
CA ASP A 251 16.63 14.04 -10.04
C ASP A 251 16.02 13.26 -11.20
N LYS A 252 15.89 11.95 -11.01
CA LYS A 252 15.69 11.03 -12.13
C LYS A 252 14.46 10.13 -12.06
N LEU A 253 13.87 10.00 -10.88
CA LEU A 253 12.82 9.02 -10.65
C LEU A 253 11.50 9.70 -10.26
N PRO A 254 10.35 9.15 -10.70
CA PRO A 254 9.06 9.82 -10.47
C PRO A 254 8.78 10.03 -8.99
N LYS A 255 8.42 11.25 -8.61
CA LYS A 255 8.16 11.59 -7.21
C LYS A 255 6.94 10.88 -6.64
N ASP A 256 5.98 10.50 -7.49
CA ASP A 256 4.76 9.83 -7.02
C ASP A 256 4.92 8.30 -6.88
N ALA A 257 6.18 7.83 -6.94
CA ALA A 257 6.52 6.44 -6.69
C ALA A 257 7.25 6.26 -5.35
N LYS A 258 7.10 5.09 -4.73
CA LYS A 258 7.92 4.75 -3.57
C LYS A 258 9.23 4.17 -4.08
N VAL A 259 10.34 4.80 -3.72
CA VAL A 259 11.63 4.28 -4.13
C VAL A 259 12.43 3.80 -2.91
N GLN A 260 13.02 2.62 -3.07
CA GLN A 260 13.90 2.07 -2.06
C GLN A 260 15.18 1.57 -2.71
N LEU A 261 16.32 1.85 -2.07
CA LEU A 261 17.58 1.29 -2.51
C LEU A 261 18.36 0.67 -1.37
N GLN A 262 18.56 -0.65 -1.44
CA GLN A 262 19.37 -1.35 -0.45
C GLN A 262 20.77 -1.44 -0.97
N ILE A 263 21.73 -1.04 -0.17
CA ILE A 263 23.14 -1.18 -0.55
C ILE A 263 23.72 -2.35 0.22
N LYS A 264 24.06 -3.42 -0.51
CA LYS A 264 24.55 -4.66 0.09
C LYS A 264 26.04 -4.84 -0.12
N SER A 265 26.67 -5.63 0.75
CA SER A 265 28.06 -6.03 0.57
C SER A 265 28.43 -7.09 1.58
N GLU A 266 29.05 -8.15 1.10
CA GLU A 266 29.55 -9.23 1.96
C GLU A 266 28.41 -9.86 2.76
N SER A 267 27.37 -10.28 2.03
CA SER A 267 26.16 -10.90 2.59
C SER A 267 25.50 -10.08 3.73
N LYS A 268 25.39 -8.76 3.52
CA LYS A 268 24.87 -7.81 4.51
C LYS A 268 24.24 -6.59 3.84
N ILE A 269 23.10 -6.14 4.35
CA ILE A 269 22.55 -4.85 3.91
C ILE A 269 23.14 -3.73 4.76
N GLU A 270 23.94 -2.88 4.14
CA GLU A 270 24.78 -1.91 4.83
C GLU A 270 24.07 -0.55 5.05
N ALA A 271 23.29 -0.14 4.04
CA ALA A 271 22.46 1.07 4.14
C ALA A 271 21.21 0.92 3.28
N VAL A 272 20.14 1.62 3.64
CA VAL A 272 18.92 1.66 2.83
C VAL A 272 18.45 3.08 2.65
N ILE A 273 18.26 3.50 1.41
CA ILE A 273 17.73 4.82 1.10
C ILE A 273 16.24 4.71 0.74
N ILE A 274 15.43 5.59 1.33
CA ILE A 274 13.99 5.53 1.13
C ILE A 274 13.40 6.89 0.84
N LYS A 275 12.69 6.96 -0.28
CA LYS A 275 11.90 8.10 -0.66
C LYS A 275 10.48 7.58 -0.73
N GLU A 276 9.68 7.90 0.28
CA GLU A 276 8.35 7.32 0.40
C GLU A 276 7.44 7.94 -0.66
N LYS A 277 6.20 7.43 -0.78
CA LYS A 277 5.38 7.68 -1.96
C LYS A 277 5.50 9.10 -2.51
N ASN A 278 5.14 10.11 -1.73
CA ASN A 278 5.44 11.49 -2.07
C ASN A 278 6.26 12.04 -0.91
N SER A 279 7.58 11.93 -0.99
CA SER A 279 8.42 12.50 0.03
C SER A 279 9.28 13.61 -0.54
N ASP A 280 9.31 14.73 0.17
CA ASP A 280 10.10 15.90 -0.24
C ASP A 280 11.61 15.62 -0.34
N LYS A 281 12.07 14.54 0.27
CA LYS A 281 13.50 14.23 0.40
C LYS A 281 13.68 12.83 1.00
N PRO A 282 14.63 12.04 0.45
CA PRO A 282 14.87 10.67 0.94
C PRO A 282 15.72 10.59 2.21
N PHE A 283 15.49 9.56 3.01
CA PHE A 283 16.29 9.36 4.22
C PHE A 283 17.14 8.09 4.18
N VAL A 284 18.24 8.11 4.92
CA VAL A 284 19.17 6.99 4.93
C VAL A 284 19.25 6.37 6.32
N SER A 285 19.21 5.04 6.36
CA SER A 285 19.44 4.25 7.58
C SER A 285 20.66 3.36 7.39
N PHE A 286 21.53 3.34 8.38
CA PHE A 286 22.69 2.46 8.35
C PHE A 286 22.48 1.29 9.29
N LEU A 287 23.08 0.16 8.93
CA LEU A 287 23.09 -1.02 9.78
C LEU A 287 23.61 -0.71 11.18
#